data_2YQZ
#
_entry.id   2YQZ
#
_cell.length_a   36.899
_cell.length_b   45.064
_cell.length_c   84.151
_cell.angle_alpha   87.03
_cell.angle_beta   78.96
_cell.angle_gamma   83.49
#
_symmetry.space_group_name_H-M   'P 1'
#
loop_
_entity.id
_entity.type
_entity.pdbx_description
1 polymer 'Hypothetical protein TTHA0223'
2 non-polymer S-ADENOSYLMETHIONINE
3 water water
#
_entity_poly.entity_id   1
_entity_poly.type   'polypeptide(L)'
_entity_poly.pdbx_seq_one_letter_code
;(MSE)SSALLRAAYAYDRLRAHPPEVAGQIATA(MSE)ASAVHPKGEEPVFLELGVGTGRIALPLIARGYRYIALDADAA
(MSE)LEVFRQKIAGVDRKVQVVQADARAIPLPDESVHGVIVVHLWHLVPDWPKVLAEAIRVLKPGGALLEGWDQAEASP
EWTLQERWRAFAAEEGFPVERGLHAKRLKEVEEALRRLGLKPRTREVARWREERTPREALEALSERLYSFTQGLPEPVHA
RV(MSE)ERLWAWAEAELGDLDRPFPVEKRFLLRVSRLG
;
_entity_poly.pdbx_strand_id   A,B
#
# COMPACT_ATOMS: atom_id res chain seq x y z
N SER A 2 10.96 24.28 -22.31
CA SER A 2 10.10 25.47 -22.56
C SER A 2 8.65 24.99 -22.73
N SER A 3 8.35 24.32 -23.83
CA SER A 3 7.00 23.79 -24.02
C SER A 3 6.95 22.66 -22.99
N ALA A 4 8.11 22.04 -22.75
CA ALA A 4 8.25 20.94 -21.80
C ALA A 4 7.96 21.40 -20.38
N LEU A 5 8.48 22.58 -20.03
CA LEU A 5 8.30 23.18 -18.70
C LEU A 5 6.85 23.54 -18.50
N LEU A 6 6.23 24.05 -19.56
CA LEU A 6 4.83 24.46 -19.48
C LEU A 6 3.93 23.20 -19.35
N ARG A 7 4.26 22.12 -20.05
CA ARG A 7 3.46 20.90 -19.89
C ARG A 7 3.55 20.37 -18.46
N ALA A 8 4.75 20.41 -17.88
CA ALA A 8 4.94 19.89 -16.51
C ALA A 8 4.10 20.68 -15.50
N ALA A 9 4.01 21.97 -15.77
CA ALA A 9 3.23 22.88 -14.96
C ALA A 9 1.72 22.51 -15.03
N TYR A 10 1.21 22.25 -16.24
CA TYR A 10 -0.18 21.87 -16.37
C TYR A 10 -0.40 20.50 -15.72
N ALA A 11 0.62 19.64 -15.85
CA ALA A 11 0.56 18.31 -15.27
C ALA A 11 0.43 18.46 -13.76
N TYR A 12 1.24 19.33 -13.18
CA TYR A 12 1.18 19.58 -11.73
C TYR A 12 -0.25 20.02 -11.37
N ASP A 13 -0.80 20.96 -12.14
CA ASP A 13 -2.14 21.45 -11.88
C ASP A 13 -3.18 20.30 -11.95
N ARG A 14 -3.12 19.41 -12.94
CA ARG A 14 -4.13 18.34 -13.01
C ARG A 14 -4.03 17.33 -11.87
N LEU A 15 -2.80 16.98 -11.53
CA LEU A 15 -2.55 16.03 -10.43
C LEU A 15 -3.01 16.52 -9.05
N ARG A 16 -2.74 17.79 -8.73
CA ARG A 16 -3.09 18.32 -7.42
C ARG A 16 -4.49 18.93 -7.30
N ALA A 17 -5.22 19.00 -8.40
CA ALA A 17 -6.54 19.60 -8.36
C ALA A 17 -7.41 19.04 -7.25
N HIS A 18 -8.17 19.92 -6.63
CA HIS A 18 -9.08 19.56 -5.56
C HIS A 18 -10.47 19.47 -6.17
N PRO A 19 -11.30 18.56 -5.66
CA PRO A 19 -12.66 18.41 -6.16
C PRO A 19 -13.34 19.77 -5.93
N PRO A 20 -14.25 20.16 -6.83
CA PRO A 20 -14.92 21.46 -6.65
C PRO A 20 -15.47 21.76 -5.25
N GLU A 21 -16.16 20.80 -4.65
CA GLU A 21 -16.72 20.98 -3.31
C GLU A 21 -15.63 21.27 -2.26
N VAL A 22 -14.53 20.55 -2.39
CA VAL A 22 -13.40 20.72 -1.50
C VAL A 22 -12.76 22.10 -1.71
N ALA A 23 -12.59 22.50 -2.97
CA ALA A 23 -11.99 23.81 -3.26
C ALA A 23 -12.83 24.88 -2.57
N GLY A 24 -14.16 24.72 -2.69
CA GLY A 24 -15.10 25.64 -2.09
C GLY A 24 -14.98 25.70 -0.57
N GLN A 25 -14.92 24.53 0.07
CA GLN A 25 -14.76 24.45 1.52
C GLN A 25 -13.46 25.19 1.98
N ILE A 26 -12.39 24.98 1.23
CA ILE A 26 -11.12 25.60 1.59
C ILE A 26 -11.15 27.12 1.43
N ALA A 27 -11.66 27.59 0.29
CA ALA A 27 -11.78 29.01 0.01
C ALA A 27 -12.66 29.70 1.07
N THR A 28 -13.74 29.05 1.50
CA THR A 28 -14.60 29.65 2.53
C THR A 28 -13.87 29.83 3.86
N ALA A 29 -13.09 28.81 4.23
CA ALA A 29 -12.34 28.85 5.49
C ALA A 29 -11.27 29.93 5.44
N ALA A 31 -11.36 32.71 3.44
CA ALA A 31 -12.02 34.02 3.39
C ALA A 31 -12.57 34.39 4.77
N SER A 32 -13.02 33.40 5.53
CA SER A 32 -13.57 33.65 6.85
C SER A 32 -12.54 34.12 7.85
N ALA A 33 -11.29 33.76 7.58
CA ALA A 33 -10.20 34.12 8.48
C ALA A 33 -9.71 35.54 8.24
N VAL A 34 -10.05 36.13 7.10
CA VAL A 34 -9.58 37.48 6.85
C VAL A 34 -10.50 38.54 7.41
N HIS A 35 -9.93 39.34 8.31
CA HIS A 35 -10.64 40.40 9.00
C HIS A 35 -10.16 41.81 8.60
N PRO A 36 -10.69 42.33 7.49
CA PRO A 36 -10.31 43.67 7.04
C PRO A 36 -11.30 44.60 7.72
N LYS A 37 -10.82 45.46 8.61
CA LYS A 37 -11.77 46.35 9.27
C LYS A 37 -12.32 47.39 8.28
N GLY A 38 -13.29 46.98 7.45
CA GLY A 38 -13.85 47.94 6.51
C GLY A 38 -13.18 48.06 5.15
N GLU A 39 -11.95 47.59 5.04
CA GLU A 39 -11.27 47.67 3.74
C GLU A 39 -11.64 46.47 2.87
N GLU A 40 -11.42 46.60 1.56
CA GLU A 40 -11.68 45.48 0.66
C GLU A 40 -10.48 44.57 0.97
N PRO A 41 -10.72 43.30 1.32
CA PRO A 41 -9.60 42.43 1.63
C PRO A 41 -8.73 42.06 0.44
N VAL A 42 -7.41 42.07 0.63
CA VAL A 42 -6.52 41.67 -0.43
C VAL A 42 -5.69 40.50 0.11
N PHE A 43 -5.68 39.44 -0.68
CA PHE A 43 -4.92 38.24 -0.35
C PHE A 43 -3.64 38.22 -1.16
N LEU A 44 -2.57 37.75 -0.55
CA LEU A 44 -1.30 37.55 -1.24
C LEU A 44 -0.96 36.07 -1.09
N GLU A 45 -0.64 35.39 -2.18
CA GLU A 45 -0.23 33.99 -2.05
C GLU A 45 1.24 33.90 -2.46
N LEU A 46 2.01 33.28 -1.59
CA LEU A 46 3.43 33.09 -1.80
C LEU A 46 3.56 31.69 -2.38
N GLY A 47 4.04 31.58 -3.62
CA GLY A 47 4.16 30.28 -4.25
C GLY A 47 2.80 29.87 -4.80
N VAL A 48 2.16 30.80 -5.49
CA VAL A 48 0.83 30.56 -6.02
C VAL A 48 0.80 29.39 -7.00
N GLY A 49 1.93 29.10 -7.63
CA GLY A 49 1.99 28.00 -8.59
C GLY A 49 1.00 28.20 -9.75
N THR A 50 0.25 27.13 -10.08
CA THR A 50 -0.74 27.22 -11.14
C THR A 50 -2.05 27.84 -10.68
N GLY A 51 -2.13 28.20 -9.40
CA GLY A 51 -3.36 28.82 -8.92
C GLY A 51 -4.44 27.90 -8.39
N ARG A 52 -4.05 26.69 -8.00
CA ARG A 52 -5.01 25.72 -7.44
C ARG A 52 -5.78 26.30 -6.25
N ILE A 53 -5.07 27.04 -5.40
CA ILE A 53 -5.67 27.62 -4.20
C ILE A 53 -6.28 28.99 -4.48
N ALA A 54 -5.67 29.69 -5.43
CA ALA A 54 -6.08 31.06 -5.76
C ALA A 54 -7.40 31.19 -6.55
N LEU A 55 -7.59 30.33 -7.55
CA LEU A 55 -8.79 30.47 -8.39
C LEU A 55 -10.10 30.50 -7.65
N PRO A 56 -10.28 29.60 -6.68
CA PRO A 56 -11.54 29.57 -5.91
C PRO A 56 -11.85 30.93 -5.26
N LEU A 57 -10.83 31.61 -4.78
CA LEU A 57 -11.01 32.90 -4.16
C LEU A 57 -11.18 34.01 -5.21
N ILE A 58 -10.38 33.93 -6.26
CA ILE A 58 -10.43 34.90 -7.35
C ILE A 58 -11.81 34.87 -7.97
N ALA A 59 -12.33 33.65 -8.08
CA ALA A 59 -13.65 33.43 -8.67
C ALA A 59 -14.77 34.09 -7.88
N ARG A 60 -14.53 34.31 -6.59
CA ARG A 60 -15.53 34.93 -5.74
C ARG A 60 -15.29 36.42 -5.63
N GLY A 61 -14.41 36.91 -6.49
CA GLY A 61 -14.13 38.35 -6.55
C GLY A 61 -13.14 39.01 -5.61
N TYR A 62 -12.36 38.24 -4.87
CA TYR A 62 -11.39 38.85 -3.96
C TYR A 62 -10.16 39.38 -4.72
N ARG A 63 -9.62 40.50 -4.25
CA ARG A 63 -8.41 41.13 -4.80
C ARG A 63 -7.33 40.12 -4.43
N TYR A 64 -6.47 39.78 -5.38
CA TYR A 64 -5.47 38.75 -5.14
C TYR A 64 -4.14 39.14 -5.75
N ILE A 65 -3.05 38.91 -5.01
CA ILE A 65 -1.71 39.18 -5.52
C ILE A 65 -1.08 37.78 -5.53
N ALA A 66 -0.73 37.30 -6.71
CA ALA A 66 -0.23 35.94 -6.90
C ALA A 66 1.25 35.99 -7.15
N LEU A 67 2.03 35.51 -6.19
CA LEU A 67 3.48 35.59 -6.32
C LEU A 67 4.14 34.21 -6.51
N ASP A 68 5.07 34.12 -7.47
CA ASP A 68 5.82 32.88 -7.70
C ASP A 68 7.12 33.18 -8.40
N ALA A 69 8.16 32.40 -8.09
CA ALA A 69 9.46 32.58 -8.73
C ALA A 69 9.52 31.91 -10.10
N ASP A 70 8.60 30.99 -10.36
CA ASP A 70 8.65 30.18 -11.59
C ASP A 70 7.79 30.67 -12.75
N ALA A 71 8.45 31.05 -13.84
CA ALA A 71 7.77 31.56 -15.00
C ALA A 71 6.71 30.62 -15.63
N ALA A 72 7.00 29.31 -15.67
CA ALA A 72 6.07 28.36 -16.27
C ALA A 72 4.81 28.20 -15.45
N LEU A 74 3.54 30.45 -13.58
CA LEU A 74 2.73 31.67 -13.72
C LEU A 74 2.04 31.73 -15.11
N GLU A 75 2.66 31.12 -16.11
CA GLU A 75 2.06 31.09 -17.43
C GLU A 75 0.76 30.29 -17.32
N VAL A 76 0.78 29.15 -16.64
CA VAL A 76 -0.45 28.40 -16.48
C VAL A 76 -1.45 29.20 -15.65
N PHE A 77 -0.98 29.83 -14.57
CA PHE A 77 -1.85 30.63 -13.75
C PHE A 77 -2.55 31.70 -14.60
N ARG A 78 -1.79 32.41 -15.42
CA ARG A 78 -2.34 33.45 -16.27
C ARG A 78 -3.45 32.90 -17.18
N GLN A 79 -3.24 31.70 -17.74
CA GLN A 79 -4.30 31.10 -18.57
C GLN A 79 -5.49 30.66 -17.73
N LYS A 80 -5.23 30.11 -16.53
CA LYS A 80 -6.32 29.68 -15.67
C LYS A 80 -7.26 30.81 -15.23
N ILE A 81 -6.75 32.04 -15.13
CA ILE A 81 -7.59 33.14 -14.68
C ILE A 81 -8.06 34.04 -15.81
N ALA A 82 -7.94 33.56 -17.04
CA ALA A 82 -8.34 34.36 -18.20
C ALA A 82 -9.80 34.68 -18.03
N GLY A 83 -10.17 35.93 -18.31
CA GLY A 83 -11.56 36.31 -18.17
C GLY A 83 -12.05 36.62 -16.77
N VAL A 84 -11.30 36.23 -15.72
CA VAL A 84 -11.71 36.55 -14.34
C VAL A 84 -10.51 37.17 -13.59
N ASP A 85 -9.66 37.87 -14.34
CA ASP A 85 -8.44 38.46 -13.78
C ASP A 85 -8.35 39.94 -13.50
N ARG A 86 -9.47 40.64 -13.52
CA ARG A 86 -9.45 42.08 -13.30
C ARG A 86 -8.92 42.57 -11.96
N LYS A 87 -9.04 41.73 -10.94
CA LYS A 87 -8.61 42.11 -9.60
C LYS A 87 -7.36 41.30 -9.19
N VAL A 88 -6.65 40.76 -10.17
CA VAL A 88 -5.47 39.95 -9.89
C VAL A 88 -4.19 40.61 -10.30
N GLN A 89 -3.17 40.59 -9.44
CA GLN A 89 -1.87 41.16 -9.80
C GLN A 89 -0.90 39.97 -9.77
N VAL A 90 -0.27 39.69 -10.91
CA VAL A 90 0.68 38.61 -10.98
C VAL A 90 2.04 39.14 -10.69
N VAL A 91 2.81 38.40 -9.93
CA VAL A 91 4.16 38.88 -9.53
C VAL A 91 5.16 37.74 -9.65
N GLN A 92 6.22 37.93 -10.45
CA GLN A 92 7.27 36.94 -10.55
C GLN A 92 8.37 37.47 -9.63
N ALA A 93 8.53 36.83 -8.48
CA ALA A 93 9.53 37.27 -7.52
C ALA A 93 9.77 36.16 -6.54
N ASP A 94 10.77 36.35 -5.70
CA ASP A 94 11.10 35.39 -4.66
C ASP A 94 10.37 35.76 -3.36
N ALA A 95 9.76 34.76 -2.70
CA ALA A 95 9.00 34.99 -1.47
C ALA A 95 9.88 35.50 -0.33
N ARG A 96 11.20 35.42 -0.51
CA ARG A 96 12.13 35.92 0.51
C ARG A 96 12.38 37.42 0.33
N ALA A 97 11.77 38.01 -0.70
CA ALA A 97 11.92 39.44 -0.94
C ALA A 97 10.69 39.87 -1.73
N ILE A 98 9.59 40.02 -0.99
CA ILE A 98 8.30 40.38 -1.55
C ILE A 98 8.30 41.85 -1.93
N PRO A 99 8.06 42.16 -3.20
CA PRO A 99 8.05 43.56 -3.66
C PRO A 99 6.72 44.25 -3.35
N LEU A 100 6.43 44.35 -2.06
CA LEU A 100 5.20 45.03 -1.60
C LEU A 100 5.56 45.88 -0.38
N PRO A 101 4.77 46.90 -0.09
CA PRO A 101 5.08 47.75 1.08
C PRO A 101 4.74 47.05 2.38
N ASP A 102 5.25 47.64 3.47
CA ASP A 102 4.91 47.13 4.81
C ASP A 102 3.38 47.30 4.99
N GLU A 103 2.78 46.40 5.75
CA GLU A 103 1.35 46.49 6.11
C GLU A 103 0.46 46.88 4.90
N SER A 104 0.54 46.03 3.88
CA SER A 104 -0.19 46.27 2.64
C SER A 104 -1.22 45.22 2.26
N VAL A 105 -1.20 44.07 2.96
CA VAL A 105 -2.16 43.00 2.68
C VAL A 105 -2.90 42.45 3.91
N HIS A 106 -4.05 41.80 3.68
CA HIS A 106 -4.84 41.30 4.81
C HIS A 106 -4.69 39.83 5.12
N GLY A 107 -4.24 39.07 4.13
CA GLY A 107 -4.08 37.66 4.34
C GLY A 107 -2.93 37.22 3.43
N VAL A 108 -2.10 36.31 3.93
CA VAL A 108 -0.98 35.77 3.13
C VAL A 108 -1.21 34.28 3.18
N ILE A 109 -1.33 33.68 1.99
CA ILE A 109 -1.58 32.25 1.85
C ILE A 109 -0.32 31.51 1.49
N VAL A 110 -0.07 30.38 2.15
CA VAL A 110 1.14 29.60 1.86
C VAL A 110 0.69 28.12 1.89
N VAL A 111 0.76 27.47 0.73
CA VAL A 111 0.33 26.06 0.61
C VAL A 111 1.42 25.34 -0.17
N HIS A 112 2.06 24.39 0.51
CA HIS A 112 3.14 23.55 -0.03
C HIS A 112 4.35 24.35 -0.50
N LEU A 113 4.87 25.21 0.38
CA LEU A 113 6.04 26.01 0.05
C LEU A 113 7.22 25.86 1.04
N TRP A 114 6.94 25.77 2.33
CA TRP A 114 8.03 25.73 3.31
C TRP A 114 9.13 24.71 3.04
N HIS A 115 8.74 23.50 2.69
CA HIS A 115 9.71 22.43 2.41
C HIS A 115 10.66 22.70 1.25
N LEU A 116 10.36 23.71 0.43
CA LEU A 116 11.19 24.08 -0.72
C LEU A 116 12.11 25.25 -0.43
N VAL A 117 12.01 25.80 0.78
CA VAL A 117 12.83 26.95 1.14
C VAL A 117 13.63 26.70 2.41
N PRO A 118 14.94 26.48 2.27
CA PRO A 118 15.83 26.22 3.41
C PRO A 118 15.81 27.39 4.40
N ASP A 119 15.87 28.61 3.87
CA ASP A 119 15.82 29.79 4.72
C ASP A 119 14.39 30.34 4.81
N TRP A 120 13.44 29.45 5.10
CA TRP A 120 12.04 29.84 5.22
C TRP A 120 11.81 30.94 6.27
N PRO A 121 12.66 31.04 7.32
CA PRO A 121 12.37 32.13 8.26
C PRO A 121 12.37 33.51 7.57
N LYS A 122 13.13 33.63 6.49
CA LYS A 122 13.17 34.89 5.74
C LYS A 122 11.81 35.15 5.10
N VAL A 123 11.15 34.06 4.66
CA VAL A 123 9.81 34.20 4.06
C VAL A 123 8.79 34.55 5.12
N LEU A 124 8.88 33.92 6.28
CA LEU A 124 7.94 34.21 7.33
C LEU A 124 8.06 35.68 7.74
N ALA A 125 9.30 36.17 7.84
CA ALA A 125 9.51 37.54 8.23
C ALA A 125 8.88 38.46 7.17
N GLU A 126 9.03 38.10 5.89
CA GLU A 126 8.45 38.96 4.84
C GLU A 126 6.93 38.95 4.92
N ALA A 127 6.34 37.77 5.17
CA ALA A 127 4.87 37.67 5.29
C ALA A 127 4.38 38.60 6.42
N ILE A 128 5.07 38.53 7.56
CA ILE A 128 4.70 39.37 8.70
C ILE A 128 4.91 40.84 8.36
N ARG A 129 6.01 41.16 7.68
CA ARG A 129 6.22 42.55 7.29
C ARG A 129 5.09 43.10 6.43
N VAL A 130 4.62 42.34 5.45
CA VAL A 130 3.58 42.88 4.56
C VAL A 130 2.15 42.80 5.10
N LEU A 131 1.92 41.99 6.15
CA LEU A 131 0.58 41.89 6.70
C LEU A 131 0.19 43.11 7.53
N LYS A 132 -1.03 43.60 7.33
CA LYS A 132 -1.57 44.70 8.11
C LYS A 132 -1.91 44.21 9.52
N PRO A 133 -2.07 45.14 10.48
CA PRO A 133 -2.42 44.74 11.85
C PRO A 133 -3.77 43.98 11.71
N GLY A 134 -3.94 42.92 12.50
CA GLY A 134 -5.16 42.14 12.41
C GLY A 134 -5.08 41.15 11.26
N GLY A 135 -3.99 41.21 10.50
CA GLY A 135 -3.80 40.32 9.37
C GLY A 135 -3.62 38.85 9.69
N ALA A 136 -3.80 37.97 8.72
CA ALA A 136 -3.67 36.54 9.00
C ALA A 136 -2.76 35.84 8.03
N LEU A 137 -1.96 34.95 8.58
CA LEU A 137 -1.11 34.06 7.79
C LEU A 137 -1.99 32.79 7.69
N LEU A 138 -2.19 32.33 6.46
CA LEU A 138 -3.05 31.18 6.17
C LEU A 138 -2.23 30.07 5.56
N GLU A 139 -1.83 29.10 6.38
CA GLU A 139 -1.04 27.98 5.84
C GLU A 139 -1.99 26.81 5.60
N GLY A 140 -1.87 26.14 4.45
CA GLY A 140 -2.74 25.01 4.17
C GLY A 140 -1.92 23.86 3.63
N TRP A 141 -2.40 22.65 3.83
CA TRP A 141 -1.70 21.51 3.28
C TRP A 141 -2.62 20.32 3.16
N ASP A 142 -2.31 19.49 2.18
CA ASP A 142 -3.07 18.27 1.94
C ASP A 142 -2.44 17.15 2.73
N GLN A 143 -3.25 16.16 3.12
CA GLN A 143 -2.74 14.99 3.84
C GLN A 143 -3.45 13.78 3.21
N ALA A 144 -2.76 12.65 3.09
CA ALA A 144 -3.34 11.42 2.53
C ALA A 144 -3.16 10.23 3.47
N GLU A 145 -4.17 9.37 3.54
CA GLU A 145 -4.08 8.17 4.36
C GLU A 145 -3.48 7.10 3.47
N ALA A 146 -3.06 5.99 4.08
CA ALA A 146 -2.46 4.89 3.37
C ALA A 146 -3.38 4.43 2.25
N SER A 147 -2.78 4.04 1.13
CA SER A 147 -3.51 3.53 -0.03
C SER A 147 -2.45 2.86 -0.92
N PRO A 148 -2.87 2.28 -2.07
CA PRO A 148 -1.91 1.64 -2.98
C PRO A 148 -0.95 2.70 -3.52
N GLU A 149 -1.35 3.96 -3.44
CA GLU A 149 -0.51 5.00 -3.92
C GLU A 149 0.67 5.09 -2.94
N TRP A 150 0.39 4.85 -1.66
CA TRP A 150 1.43 4.87 -0.65
C TRP A 150 2.39 3.69 -0.91
N THR A 151 1.83 2.55 -1.28
CA THR A 151 2.64 1.38 -1.58
C THR A 151 3.55 1.65 -2.78
N LEU A 152 2.99 2.27 -3.81
CA LEU A 152 3.79 2.60 -4.97
C LEU A 152 4.92 3.55 -4.62
N GLN A 153 4.60 4.59 -3.84
CA GLN A 153 5.63 5.56 -3.47
C GLN A 153 6.73 4.91 -2.59
N GLU A 154 6.35 4.00 -1.71
CA GLU A 154 7.34 3.34 -0.89
C GLU A 154 8.22 2.41 -1.75
N ARG A 155 7.63 1.80 -2.77
CA ARG A 155 8.37 0.91 -3.67
C ARG A 155 9.36 1.77 -4.47
N TRP A 156 8.91 2.95 -4.88
CA TRP A 156 9.79 3.89 -5.56
C TRP A 156 10.97 4.21 -4.64
N ARG A 157 10.66 4.51 -3.37
CA ARG A 157 11.74 4.86 -2.43
C ARG A 157 12.74 3.71 -2.29
N ALA A 158 12.21 2.49 -2.19
CA ALA A 158 13.05 1.28 -2.06
C ALA A 158 13.97 1.09 -3.28
N PHE A 159 13.40 1.22 -4.48
CA PHE A 159 14.16 1.06 -5.72
C PHE A 159 15.24 2.14 -5.81
N ALA A 160 14.88 3.35 -5.39
CA ALA A 160 15.84 4.45 -5.43
C ALA A 160 17.02 4.09 -4.54
N ALA A 161 16.72 3.61 -3.33
CA ALA A 161 17.81 3.24 -2.44
C ALA A 161 18.65 2.12 -3.04
N GLU A 162 17.99 1.15 -3.69
CA GLU A 162 18.70 0.04 -4.31
C GLU A 162 19.64 0.51 -5.44
N GLU A 163 19.31 1.63 -6.06
CA GLU A 163 20.15 2.16 -7.14
C GLU A 163 21.36 2.89 -6.56
N GLY A 164 21.36 3.12 -5.25
CA GLY A 164 22.45 3.81 -4.58
C GLY A 164 22.08 5.25 -4.29
N PHE A 165 20.80 5.58 -4.42
CA PHE A 165 20.33 6.95 -4.17
C PHE A 165 19.13 7.02 -3.22
N PRO A 166 19.34 6.74 -1.94
CA PRO A 166 18.26 6.79 -0.94
C PRO A 166 17.73 8.21 -0.81
N VAL A 167 16.43 8.35 -0.61
CA VAL A 167 15.81 9.67 -0.53
C VAL A 167 15.31 10.09 0.86
N GLU A 168 15.38 11.39 1.11
CA GLU A 168 14.97 11.95 2.39
C GLU A 168 13.50 11.70 2.65
N ARG A 169 13.18 11.52 3.92
CA ARG A 169 11.82 11.24 4.37
C ARG A 169 11.32 12.27 5.42
N GLY A 170 10.05 12.64 5.33
CA GLY A 170 9.43 13.56 6.30
C GLY A 170 9.85 15.01 6.45
N LEU A 171 10.34 15.63 5.36
CA LEU A 171 10.74 17.03 5.41
C LEU A 171 9.56 17.99 5.59
N HIS A 172 8.49 17.79 4.83
CA HIS A 172 7.35 18.70 4.96
C HIS A 172 6.83 18.74 6.40
N ALA A 173 6.64 17.58 7.02
CA ALA A 173 6.12 17.53 8.39
C ALA A 173 7.05 18.14 9.42
N LYS A 174 8.35 17.92 9.27
CA LYS A 174 9.32 18.48 10.21
C LYS A 174 9.32 20.01 10.06
N ARG A 175 9.35 20.47 8.81
CA ARG A 175 9.35 21.89 8.49
C ARG A 175 8.09 22.56 9.08
N LEU A 176 6.95 21.90 8.93
CA LEU A 176 5.70 22.42 9.44
C LEU A 176 5.76 22.65 10.96
N LYS A 177 6.43 21.76 11.66
CA LYS A 177 6.54 21.87 13.14
C LYS A 177 7.48 23.02 13.49
N GLU A 178 8.59 23.13 12.76
CA GLU A 178 9.53 24.22 13.00
C GLU A 178 8.81 25.56 12.81
N VAL A 179 7.97 25.64 11.78
CA VAL A 179 7.27 26.90 11.57
C VAL A 179 6.28 27.19 12.70
N GLU A 180 5.57 26.18 13.17
CA GLU A 180 4.63 26.43 14.25
C GLU A 180 5.40 26.98 15.48
N GLU A 181 6.63 26.49 15.70
CA GLU A 181 7.45 26.93 16.85
C GLU A 181 7.71 28.42 16.72
N ALA A 182 7.99 28.84 15.49
CA ALA A 182 8.25 30.25 15.22
C ALA A 182 6.99 31.08 15.36
N LEU A 183 5.85 30.56 14.90
CA LEU A 183 4.60 31.30 15.01
C LEU A 183 4.20 31.55 16.48
N ARG A 184 4.36 30.53 17.31
CA ARG A 184 4.04 30.65 18.73
C ARG A 184 4.92 31.75 19.35
N ARG A 185 6.21 31.62 19.07
CA ARG A 185 7.25 32.51 19.58
C ARG A 185 7.03 33.95 19.15
N LEU A 186 6.54 34.12 17.92
CA LEU A 186 6.31 35.45 17.39
C LEU A 186 5.00 36.05 17.84
N GLY A 187 4.26 35.31 18.66
CA GLY A 187 2.99 35.77 19.21
C GLY A 187 1.82 35.75 18.27
N LEU A 188 1.90 34.91 17.23
CA LEU A 188 0.85 34.84 16.23
C LEU A 188 -0.26 33.82 16.51
N LYS A 189 -0.18 33.16 17.67
CA LYS A 189 -1.21 32.22 18.12
C LYS A 189 -1.81 31.31 17.02
N PRO A 190 -0.98 30.43 16.45
CA PRO A 190 -1.54 29.56 15.40
C PRO A 190 -2.70 28.66 15.83
N ARG A 191 -3.73 28.55 15.00
CA ARG A 191 -4.89 27.72 15.29
C ARG A 191 -5.07 26.79 14.08
N THR A 192 -5.04 25.48 14.29
CA THR A 192 -5.16 24.53 13.16
C THR A 192 -6.51 23.83 13.19
N ARG A 193 -7.07 23.62 12.01
CA ARG A 193 -8.38 23.00 11.89
C ARG A 193 -8.46 22.24 10.55
N GLU A 194 -9.13 21.08 10.55
CA GLU A 194 -9.28 20.33 9.31
C GLU A 194 -10.43 21.02 8.64
N VAL A 195 -10.26 21.51 7.41
CA VAL A 195 -11.33 22.22 6.74
C VAL A 195 -12.00 21.42 5.62
N ALA A 196 -11.44 20.26 5.28
CA ALA A 196 -12.04 19.40 4.25
C ALA A 196 -11.50 17.99 4.38
N ARG A 197 -12.35 17.00 4.09
CA ARG A 197 -11.93 15.60 4.17
C ARG A 197 -12.74 14.93 3.10
N TRP A 198 -12.09 14.12 2.26
CA TRP A 198 -12.80 13.46 1.15
C TRP A 198 -12.06 12.24 0.61
N ARG A 199 -12.73 11.47 -0.25
CA ARG A 199 -12.07 10.35 -0.91
C ARG A 199 -12.17 10.59 -2.41
N GLU A 200 -11.09 10.34 -3.11
CA GLU A 200 -11.08 10.52 -4.54
C GLU A 200 -10.58 9.21 -5.14
N GLU A 201 -10.80 9.07 -6.44
CA GLU A 201 -10.36 7.89 -7.16
C GLU A 201 -8.99 8.13 -7.82
N ARG A 202 -8.18 7.09 -7.83
CA ARG A 202 -6.91 7.14 -8.52
C ARG A 202 -6.61 5.73 -9.01
N THR A 203 -6.05 5.61 -10.23
CA THR A 203 -5.69 4.26 -10.70
C THR A 203 -4.18 4.07 -10.52
N PRO A 204 -3.72 2.81 -10.52
CA PRO A 204 -2.30 2.53 -10.37
C PRO A 204 -1.53 3.25 -11.50
N ARG A 205 -2.11 3.24 -12.71
CA ARG A 205 -1.49 3.89 -13.87
C ARG A 205 -1.32 5.40 -13.66
N GLU A 206 -2.36 6.06 -13.17
CA GLU A 206 -2.27 7.50 -12.92
C GLU A 206 -1.22 7.80 -11.83
N ALA A 207 -1.16 6.95 -10.81
CA ALA A 207 -0.16 7.16 -9.74
C ALA A 207 1.24 6.97 -10.31
N LEU A 208 1.42 5.97 -11.18
CA LEU A 208 2.73 5.73 -11.82
C LEU A 208 3.12 6.92 -12.72
N GLU A 209 2.14 7.47 -13.44
CA GLU A 209 2.46 8.60 -14.33
C GLU A 209 2.85 9.83 -13.53
N ALA A 210 2.27 9.99 -12.35
CA ALA A 210 2.57 11.15 -11.46
C ALA A 210 4.01 11.02 -11.02
N LEU A 211 4.41 9.78 -10.71
CA LEU A 211 5.80 9.56 -10.32
C LEU A 211 6.76 9.74 -11.50
N SER A 212 6.39 9.20 -12.66
CA SER A 212 7.23 9.32 -13.85
C SER A 212 7.57 10.77 -14.18
N GLU A 213 6.56 11.62 -14.09
CA GLU A 213 6.69 13.03 -14.45
C GLU A 213 7.33 13.88 -13.35
N ARG A 214 7.80 13.21 -12.30
CA ARG A 214 8.47 13.87 -11.19
C ARG A 214 7.66 15.02 -10.66
N LEU A 215 6.35 14.82 -10.55
CA LEU A 215 5.48 15.87 -10.08
C LEU A 215 5.45 16.01 -8.57
N TYR A 216 6.18 15.17 -7.86
CA TYR A 216 6.23 15.25 -6.41
C TYR A 216 7.62 15.73 -6.08
N SER A 217 7.72 16.72 -5.22
CA SER A 217 9.02 17.27 -4.85
C SER A 217 9.97 16.18 -4.36
N PHE A 218 9.47 15.15 -3.68
CA PHE A 218 10.39 14.13 -3.18
C PHE A 218 11.08 13.34 -4.29
N THR A 219 10.51 13.34 -5.49
CA THR A 219 11.16 12.60 -6.56
C THR A 219 12.14 13.45 -7.34
N GLN A 220 12.24 14.74 -7.02
CA GLN A 220 13.11 15.65 -7.75
C GLN A 220 14.59 15.67 -7.36
N GLY A 221 14.94 15.03 -6.26
CA GLY A 221 16.33 15.03 -5.85
C GLY A 221 17.23 14.13 -6.69
N LEU A 222 16.71 12.97 -7.08
CA LEU A 222 17.49 12.02 -7.87
C LEU A 222 17.92 12.53 -9.22
N PRO A 223 19.14 12.17 -9.65
CA PRO A 223 19.60 12.59 -10.96
C PRO A 223 18.50 12.02 -11.89
N GLU A 224 18.15 12.73 -12.97
CA GLU A 224 17.09 12.22 -13.85
C GLU A 224 17.29 10.80 -14.40
N PRO A 225 18.52 10.43 -14.77
CA PRO A 225 18.71 9.08 -15.29
C PRO A 225 18.47 8.00 -14.22
N VAL A 226 18.71 8.32 -12.96
CA VAL A 226 18.49 7.34 -11.89
C VAL A 226 16.98 7.14 -11.74
N HIS A 227 16.25 8.25 -11.77
CA HIS A 227 14.78 8.20 -11.66
C HIS A 227 14.24 7.41 -12.85
N ALA A 228 14.85 7.62 -14.02
CA ALA A 228 14.40 6.88 -15.20
C ALA A 228 14.54 5.38 -15.00
N ARG A 229 15.69 4.96 -14.46
CA ARG A 229 15.92 3.54 -14.19
C ARG A 229 14.94 3.01 -13.12
N VAL A 230 14.69 3.80 -12.07
CA VAL A 230 13.76 3.39 -11.03
C VAL A 230 12.35 3.25 -11.62
N GLU A 232 11.45 2.47 -14.70
CA GLU A 232 11.30 1.28 -15.51
C GLU A 232 11.03 0.08 -14.59
N ARG A 233 11.77 0.04 -13.50
CA ARG A 233 11.63 -1.03 -12.52
C ARG A 233 10.26 -1.01 -11.87
N LEU A 234 9.81 0.20 -11.52
CA LEU A 234 8.52 0.37 -10.83
C LEU A 234 7.32 0.05 -11.74
N TRP A 235 7.36 0.47 -13.01
CA TRP A 235 6.28 0.10 -13.92
C TRP A 235 6.19 -1.45 -14.04
N ALA A 236 7.33 -2.11 -14.18
CA ALA A 236 7.32 -3.58 -14.29
C ALA A 236 6.80 -4.26 -13.01
N TRP A 237 7.17 -3.70 -11.87
CA TRP A 237 6.77 -4.26 -10.60
C TRP A 237 5.25 -4.08 -10.48
N ALA A 238 4.77 -2.90 -10.86
CA ALA A 238 3.32 -2.65 -10.74
C ALA A 238 2.54 -3.56 -11.67
N GLU A 239 3.08 -3.76 -12.87
CA GLU A 239 2.39 -4.61 -13.84
C GLU A 239 2.33 -6.06 -13.28
N ALA A 240 3.30 -6.45 -12.47
CA ALA A 240 3.27 -7.82 -11.92
C ALA A 240 2.52 -7.97 -10.60
N GLU A 241 2.45 -6.90 -9.81
CA GLU A 241 1.87 -6.98 -8.49
C GLU A 241 0.63 -6.15 -8.12
N LEU A 242 0.22 -5.21 -8.97
CA LEU A 242 -0.92 -4.38 -8.63
C LEU A 242 -2.21 -4.64 -9.41
N GLY A 243 -2.29 -5.76 -10.10
CA GLY A 243 -3.51 -6.08 -10.86
C GLY A 243 -3.84 -5.13 -11.99
N ASP A 244 -5.13 -4.89 -12.22
CA ASP A 244 -5.54 -3.99 -13.31
C ASP A 244 -5.04 -2.59 -13.04
N LEU A 245 -4.10 -2.12 -13.85
CA LEU A 245 -3.54 -0.80 -13.62
C LEU A 245 -4.55 0.33 -13.89
N ASP A 246 -5.66 -0.02 -14.54
CA ASP A 246 -6.69 1.00 -14.80
C ASP A 246 -7.91 0.90 -13.86
N ARG A 247 -7.79 0.11 -12.81
CA ARG A 247 -8.88 -0.02 -11.84
C ARG A 247 -8.65 1.03 -10.75
N PRO A 248 -9.64 1.90 -10.50
CA PRO A 248 -9.47 2.92 -9.47
C PRO A 248 -9.47 2.36 -8.06
N PHE A 249 -8.76 3.03 -7.17
CA PHE A 249 -8.76 2.67 -5.74
C PHE A 249 -9.04 3.99 -5.05
N PRO A 250 -9.55 3.94 -3.79
CA PRO A 250 -9.81 5.22 -3.16
C PRO A 250 -8.59 5.76 -2.43
N VAL A 251 -8.54 7.08 -2.38
CA VAL A 251 -7.51 7.78 -1.62
C VAL A 251 -8.24 8.80 -0.78
N GLU A 252 -8.16 8.61 0.54
CA GLU A 252 -8.78 9.51 1.49
C GLU A 252 -7.80 10.62 1.81
N LYS A 253 -8.26 11.85 1.68
CA LYS A 253 -7.41 12.99 1.95
C LYS A 253 -8.10 13.99 2.86
N ARG A 254 -7.30 14.92 3.38
CA ARG A 254 -7.83 15.99 4.23
C ARG A 254 -6.99 17.21 3.90
N PHE A 255 -7.55 18.37 4.16
CA PHE A 255 -6.83 19.62 3.98
C PHE A 255 -6.93 20.35 5.31
N LEU A 256 -5.76 20.70 5.86
CA LEU A 256 -5.64 21.40 7.11
C LEU A 256 -5.33 22.86 6.87
N LEU A 257 -5.91 23.73 7.67
CA LEU A 257 -5.66 25.16 7.57
C LEU A 257 -5.19 25.65 8.93
N ARG A 258 -4.01 26.28 8.97
CA ARG A 258 -3.46 26.81 10.20
C ARG A 258 -3.47 28.33 10.03
N VAL A 259 -4.25 28.99 10.87
CA VAL A 259 -4.42 30.43 10.80
C VAL A 259 -3.71 31.07 11.97
N SER A 260 -2.87 32.08 11.69
CA SER A 260 -2.13 32.77 12.74
C SER A 260 -2.51 34.23 12.53
N ARG A 261 -2.60 35.00 13.60
CA ARG A 261 -3.05 36.38 13.44
C ARG A 261 -2.14 37.42 14.06
N LEU A 262 -1.95 38.54 13.36
CA LEU A 262 -1.13 39.63 13.89
C LEU A 262 -1.94 40.43 14.91
N SER B 2 3.58 -26.84 25.69
CA SER B 2 3.12 -26.83 24.28
C SER B 2 1.85 -25.99 24.09
N SER B 3 1.45 -25.25 25.11
CA SER B 3 0.26 -24.42 24.97
C SER B 3 0.67 -23.36 23.98
N ALA B 4 1.95 -23.01 23.99
CA ALA B 4 2.46 -22.02 23.08
C ALA B 4 2.42 -22.51 21.63
N LEU B 5 2.84 -23.74 21.38
CA LEU B 5 2.83 -24.24 20.01
C LEU B 5 1.42 -24.30 19.46
N LEU B 6 0.48 -24.69 20.32
CA LEU B 6 -0.92 -24.79 19.97
C LEU B 6 -1.50 -23.39 19.64
N ARG B 7 -1.21 -22.39 20.46
CA ARG B 7 -1.73 -21.04 20.16
C ARG B 7 -1.23 -20.59 18.80
N ALA B 8 0.02 -20.91 18.50
CA ALA B 8 0.62 -20.53 17.24
C ALA B 8 -0.14 -21.15 16.08
N ALA B 9 -0.56 -22.39 16.28
CA ALA B 9 -1.33 -23.11 15.24
C ALA B 9 -2.70 -22.44 15.05
N TYR B 10 -3.35 -22.08 16.16
CA TYR B 10 -4.63 -21.39 16.04
C TYR B 10 -4.45 -20.01 15.40
N ALA B 11 -3.34 -19.34 15.70
CA ALA B 11 -3.05 -18.01 15.15
C ALA B 11 -2.90 -18.13 13.64
N TYR B 12 -2.23 -19.19 13.19
CA TYR B 12 -2.04 -19.44 11.75
C TYR B 12 -3.43 -19.63 11.13
N ASP B 13 -4.26 -20.44 11.79
CA ASP B 13 -5.59 -20.72 11.26
C ASP B 13 -6.42 -19.44 11.11
N ARG B 14 -6.37 -18.57 12.13
CA ARG B 14 -7.13 -17.32 12.04
C ARG B 14 -6.59 -16.40 10.97
N LEU B 15 -5.27 -16.35 10.83
CA LEU B 15 -4.64 -15.48 9.82
C LEU B 15 -4.97 -15.84 8.38
N ARG B 16 -4.96 -17.14 8.08
CA ARG B 16 -5.18 -17.57 6.71
C ARG B 16 -6.61 -17.95 6.37
N ALA B 17 -7.53 -17.85 7.32
CA ALA B 17 -8.91 -18.26 7.05
C ALA B 17 -9.48 -17.62 5.80
N HIS B 18 -10.24 -18.40 5.01
CA HIS B 18 -10.89 -17.93 3.80
C HIS B 18 -12.33 -17.61 4.17
N PRO B 19 -12.94 -16.61 3.53
CA PRO B 19 -14.35 -16.27 3.82
C PRO B 19 -15.15 -17.50 3.32
N PRO B 20 -16.34 -17.77 3.89
CA PRO B 20 -17.12 -18.93 3.47
C PRO B 20 -17.43 -19.11 2.00
N GLU B 21 -17.81 -18.06 1.28
CA GLU B 21 -18.12 -18.28 -0.13
C GLU B 21 -16.88 -18.78 -0.92
N VAL B 22 -15.75 -18.19 -0.58
CA VAL B 22 -14.44 -18.55 -1.19
C VAL B 22 -14.09 -20.01 -0.89
N ALA B 23 -14.23 -20.40 0.37
CA ALA B 23 -13.94 -21.79 0.75
C ALA B 23 -14.81 -22.75 -0.06
N GLY B 24 -16.08 -22.35 -0.31
CA GLY B 24 -16.96 -23.19 -1.10
C GLY B 24 -16.56 -23.25 -2.57
N GLN B 25 -16.17 -22.12 -3.15
CA GLN B 25 -15.76 -22.17 -4.55
C GLN B 25 -14.53 -23.07 -4.73
N ILE B 26 -13.60 -22.97 -3.79
CA ILE B 26 -12.37 -23.78 -3.86
C ILE B 26 -12.70 -25.24 -3.75
N ALA B 27 -13.49 -25.61 -2.74
CA ALA B 27 -13.88 -27.00 -2.55
C ALA B 27 -14.63 -27.53 -3.77
N THR B 28 -15.53 -26.74 -4.35
CA THR B 28 -16.23 -27.19 -5.53
C THR B 28 -15.27 -27.45 -6.68
N ALA B 29 -14.30 -26.55 -6.85
CA ALA B 29 -13.34 -26.70 -7.94
C ALA B 29 -12.49 -27.96 -7.70
N ALA B 31 -13.29 -30.68 -5.92
CA ALA B 31 -14.13 -31.87 -6.05
C ALA B 31 -14.49 -32.17 -7.50
N SER B 32 -14.71 -31.13 -8.30
CA SER B 32 -15.04 -31.32 -9.71
C SER B 32 -13.90 -31.98 -10.47
N ALA B 33 -12.68 -31.84 -9.97
CA ALA B 33 -11.53 -32.41 -10.65
C ALA B 33 -11.25 -33.88 -10.30
N VAL B 34 -11.90 -34.42 -9.28
CA VAL B 34 -11.65 -35.83 -8.94
C VAL B 34 -12.64 -36.76 -9.62
N HIS B 35 -12.10 -37.66 -10.44
CA HIS B 35 -12.86 -38.61 -11.25
C HIS B 35 -12.54 -40.02 -10.78
N PRO B 36 -13.24 -40.48 -9.74
CA PRO B 36 -13.09 -41.79 -9.12
C PRO B 36 -13.71 -42.97 -9.84
N LYS B 37 -14.17 -42.76 -11.07
CA LYS B 37 -14.75 -43.86 -11.85
C LYS B 37 -15.55 -44.89 -11.05
N GLY B 38 -16.66 -44.53 -10.42
CA GLY B 38 -17.39 -45.59 -9.72
C GLY B 38 -17.07 -45.88 -8.25
N GLU B 39 -15.81 -45.62 -7.86
CA GLU B 39 -15.39 -45.83 -6.47
C GLU B 39 -15.73 -44.58 -5.66
N GLU B 40 -15.75 -44.67 -4.33
CA GLU B 40 -16.00 -43.47 -3.54
C GLU B 40 -14.67 -42.72 -3.56
N PRO B 41 -14.70 -41.43 -3.88
CA PRO B 41 -13.43 -40.69 -3.92
C PRO B 41 -12.78 -40.48 -2.58
N VAL B 42 -11.46 -40.64 -2.57
CA VAL B 42 -10.73 -40.40 -1.35
C VAL B 42 -9.69 -39.36 -1.67
N PHE B 43 -9.68 -38.32 -0.86
CA PHE B 43 -8.72 -37.25 -1.00
C PHE B 43 -7.58 -37.43 0.00
N LEU B 44 -6.37 -37.01 -0.39
CA LEU B 44 -5.21 -36.99 0.53
C LEU B 44 -4.67 -35.57 0.50
N GLU B 45 -4.49 -34.93 1.66
CA GLU B 45 -3.90 -33.59 1.63
C GLU B 45 -2.54 -33.71 2.32
N LEU B 46 -1.50 -33.24 1.63
CA LEU B 46 -0.14 -33.25 2.15
C LEU B 46 0.10 -31.85 2.77
N GLY B 47 0.33 -31.81 4.07
CA GLY B 47 0.52 -30.54 4.76
C GLY B 47 -0.84 -29.92 5.03
N VAL B 48 -1.75 -30.75 5.54
CA VAL B 48 -3.14 -30.33 5.86
C VAL B 48 -3.17 -29.17 6.83
N GLY B 49 -2.16 -29.05 7.69
CA GLY B 49 -2.15 -27.93 8.63
C GLY B 49 -3.37 -28.00 9.58
N THR B 50 -4.01 -26.86 9.78
CA THR B 50 -5.17 -26.76 10.68
C THR B 50 -6.45 -27.14 9.99
N GLY B 51 -6.35 -27.55 8.73
CA GLY B 51 -7.53 -27.98 8.00
C GLY B 51 -8.30 -26.90 7.24
N ARG B 52 -7.67 -25.76 6.95
CA ARG B 52 -8.38 -24.71 6.22
C ARG B 52 -9.00 -25.16 4.89
N ILE B 53 -8.26 -25.98 4.14
CA ILE B 53 -8.69 -26.46 2.83
C ILE B 53 -9.47 -27.76 2.99
N ALA B 54 -9.14 -28.48 4.05
CA ALA B 54 -9.76 -29.78 4.30
C ALA B 54 -11.22 -29.71 4.77
N LEU B 55 -11.46 -28.82 5.71
CA LEU B 55 -12.79 -28.75 6.33
C LEU B 55 -13.96 -28.61 5.34
N PRO B 56 -13.84 -27.75 4.32
CA PRO B 56 -14.93 -27.62 3.35
C PRO B 56 -15.25 -28.92 2.62
N LEU B 57 -14.24 -29.74 2.34
CA LEU B 57 -14.48 -30.99 1.65
C LEU B 57 -14.96 -32.07 2.62
N ILE B 58 -14.40 -32.06 3.83
CA ILE B 58 -14.79 -33.03 4.84
C ILE B 58 -16.28 -32.82 5.15
N ALA B 59 -16.66 -31.56 5.23
CA ALA B 59 -18.07 -31.23 5.54
C ALA B 59 -19.00 -31.75 4.43
N ARG B 60 -18.51 -31.82 3.20
CA ARG B 60 -19.32 -32.33 2.07
C ARG B 60 -19.33 -33.85 1.96
N GLY B 61 -18.77 -34.52 2.97
CA GLY B 61 -18.79 -35.96 3.05
C GLY B 61 -17.73 -36.80 2.35
N TYR B 62 -16.70 -36.13 1.83
CA TYR B 62 -15.61 -36.85 1.16
C TYR B 62 -14.75 -37.59 2.16
N ARG B 63 -14.29 -38.77 1.76
CA ARG B 63 -13.34 -39.54 2.56
C ARG B 63 -12.09 -38.67 2.48
N TYR B 64 -11.41 -38.45 3.60
CA TYR B 64 -10.27 -37.56 3.57
C TYR B 64 -9.11 -38.06 4.46
N ILE B 65 -7.91 -38.09 3.90
CA ILE B 65 -6.73 -38.51 4.66
C ILE B 65 -5.94 -37.21 4.82
N ALA B 66 -5.78 -36.75 6.06
CA ALA B 66 -5.14 -35.49 6.41
C ALA B 66 -3.76 -35.74 6.99
N LEU B 67 -2.72 -35.42 6.21
CA LEU B 67 -1.34 -35.65 6.61
C LEU B 67 -0.56 -34.39 6.96
N ASP B 68 0.14 -34.42 8.09
CA ASP B 68 1.01 -33.27 8.43
C ASP B 68 2.13 -33.76 9.33
N ALA B 69 3.30 -33.12 9.24
CA ALA B 69 4.42 -33.54 10.11
C ALA B 69 4.32 -32.90 11.49
N ASP B 70 3.50 -31.86 11.60
CA ASP B 70 3.42 -31.09 12.85
C ASP B 70 2.30 -31.44 13.78
N ALA B 71 2.65 -31.89 15.00
CA ALA B 71 1.63 -32.28 15.99
C ALA B 71 0.66 -31.18 16.42
N ALA B 72 1.13 -29.94 16.55
CA ALA B 72 0.26 -28.83 16.96
C ALA B 72 -0.79 -28.52 15.87
N LEU B 74 -1.94 -30.56 13.77
CA LEU B 74 -2.90 -31.66 13.80
C LEU B 74 -3.83 -31.61 15.01
N GLU B 75 -3.36 -31.08 16.13
CA GLU B 75 -4.23 -31.00 17.30
C GLU B 75 -5.37 -30.01 17.01
N VAL B 76 -5.07 -28.89 16.34
CA VAL B 76 -6.07 -27.90 15.97
C VAL B 76 -7.03 -28.56 14.97
N PHE B 77 -6.44 -29.25 13.99
CA PHE B 77 -7.23 -29.94 12.99
C PHE B 77 -8.22 -30.91 13.66
N ARG B 78 -7.74 -31.74 14.59
CA ARG B 78 -8.59 -32.70 15.28
C ARG B 78 -9.75 -31.98 15.97
N GLN B 79 -9.50 -30.81 16.51
CA GLN B 79 -10.59 -30.06 17.16
C GLN B 79 -11.53 -29.51 16.13
N LYS B 80 -11.01 -29.00 15.03
CA LYS B 80 -11.87 -28.43 14.02
C LYS B 80 -12.81 -29.47 13.39
N ILE B 81 -12.42 -30.75 13.36
CA ILE B 81 -13.28 -31.76 12.74
C ILE B 81 -14.17 -32.52 13.72
N ALA B 82 -14.18 -32.08 14.99
CA ALA B 82 -15.01 -32.76 15.99
C ALA B 82 -16.44 -32.80 15.43
N GLY B 83 -17.08 -33.96 15.55
CA GLY B 83 -18.44 -34.09 15.04
C GLY B 83 -18.63 -34.37 13.56
N VAL B 84 -17.59 -34.19 12.75
CA VAL B 84 -17.73 -34.49 11.31
C VAL B 84 -16.50 -35.28 10.84
N ASP B 85 -15.93 -36.08 11.73
CA ASP B 85 -14.71 -36.81 11.39
C ASP B 85 -14.85 -38.30 11.11
N ARG B 86 -16.08 -38.80 10.96
CA ARG B 86 -16.20 -40.24 10.73
C ARG B 86 -15.50 -40.76 9.49
N LYS B 87 -15.32 -39.91 8.50
CA LYS B 87 -14.68 -40.36 7.27
C LYS B 87 -13.28 -39.75 7.12
N VAL B 88 -12.69 -39.31 8.23
CA VAL B 88 -11.37 -38.66 8.17
C VAL B 88 -10.32 -39.49 8.81
N GLN B 89 -9.14 -39.57 8.18
CA GLN B 89 -8.04 -40.31 8.78
C GLN B 89 -6.93 -39.27 8.98
N VAL B 90 -6.52 -39.08 10.22
CA VAL B 90 -5.47 -38.09 10.51
C VAL B 90 -4.14 -38.86 10.48
N VAL B 91 -3.13 -38.27 9.86
CA VAL B 91 -1.83 -38.97 9.76
C VAL B 91 -0.68 -38.05 10.13
N GLN B 92 0.13 -38.40 11.13
CA GLN B 92 1.25 -37.54 11.46
C GLN B 92 2.40 -38.28 10.76
N ALA B 93 2.86 -37.69 9.65
CA ALA B 93 3.95 -38.30 8.87
C ALA B 93 4.58 -37.23 8.00
N ASP B 94 5.66 -37.58 7.31
CA ASP B 94 6.35 -36.65 6.42
C ASP B 94 5.82 -36.90 5.02
N ALA B 95 5.56 -35.80 4.29
CA ALA B 95 5.04 -35.92 2.93
C ALA B 95 6.05 -36.58 2.02
N ARG B 96 7.31 -36.65 2.44
CA ARG B 96 8.31 -37.34 1.60
C ARG B 96 8.26 -38.88 1.74
N ALA B 97 7.43 -39.39 2.62
CA ALA B 97 7.29 -40.84 2.81
C ALA B 97 5.87 -41.07 3.29
N ILE B 98 4.93 -41.08 2.35
CA ILE B 98 3.52 -41.22 2.70
C ILE B 98 3.20 -42.68 3.08
N PRO B 99 2.62 -42.91 4.26
CA PRO B 99 2.30 -44.28 4.69
C PRO B 99 0.97 -44.79 4.13
N LEU B 100 0.93 -44.90 2.80
CA LEU B 100 -0.23 -45.38 2.05
C LEU B 100 0.29 -46.24 0.93
N PRO B 101 -0.53 -47.16 0.43
CA PRO B 101 -0.22 -48.08 -0.65
C PRO B 101 -0.18 -47.36 -1.98
N ASP B 102 0.48 -47.98 -2.96
CA ASP B 102 0.49 -47.39 -4.30
C ASP B 102 -0.97 -47.38 -4.78
N GLU B 103 -1.31 -46.39 -5.59
CA GLU B 103 -2.63 -46.29 -6.22
C GLU B 103 -3.78 -46.50 -5.25
N SER B 104 -3.81 -45.64 -4.24
CA SER B 104 -4.80 -45.75 -3.20
C SER B 104 -5.73 -44.57 -2.98
N VAL B 105 -5.41 -43.44 -3.61
CA VAL B 105 -6.24 -42.24 -3.50
C VAL B 105 -6.55 -41.62 -4.86
N HIS B 106 -7.62 -40.82 -4.92
CA HIS B 106 -8.06 -40.21 -6.18
C HIS B 106 -7.63 -38.78 -6.41
N GLY B 107 -7.38 -38.07 -5.33
CA GLY B 107 -6.93 -36.68 -5.47
C GLY B 107 -5.90 -36.42 -4.38
N VAL B 108 -4.85 -35.67 -4.73
CA VAL B 108 -3.85 -35.29 -3.74
C VAL B 108 -3.84 -33.76 -3.76
N ILE B 109 -4.11 -33.17 -2.59
CA ILE B 109 -4.15 -31.73 -2.38
C ILE B 109 -2.90 -31.19 -1.77
N VAL B 110 -2.37 -30.14 -2.39
CA VAL B 110 -1.19 -29.47 -1.85
C VAL B 110 -1.41 -27.97 -1.88
N VAL B 111 -1.46 -27.37 -0.70
CA VAL B 111 -1.66 -25.91 -0.62
C VAL B 111 -0.66 -25.30 0.34
N HIS B 112 0.23 -24.48 -0.22
CA HIS B 112 1.23 -23.77 0.59
C HIS B 112 2.21 -24.72 1.28
N LEU B 113 2.79 -25.60 0.48
CA LEU B 113 3.76 -26.55 0.99
C LEU B 113 5.09 -26.48 0.25
N TRP B 114 5.09 -26.27 -1.07
CA TRP B 114 6.35 -26.35 -1.81
C TRP B 114 7.45 -25.40 -1.34
N HIS B 115 7.10 -24.24 -0.81
CA HIS B 115 8.12 -23.30 -0.37
C HIS B 115 8.75 -23.75 0.93
N LEU B 116 8.23 -24.82 1.52
CA LEU B 116 8.76 -25.33 2.78
C LEU B 116 9.52 -26.65 2.56
N VAL B 117 9.52 -27.14 1.34
CA VAL B 117 10.20 -28.43 1.05
C VAL B 117 11.19 -28.34 -0.10
N PRO B 118 12.47 -28.13 0.20
CA PRO B 118 13.47 -28.02 -0.88
C PRO B 118 13.51 -29.28 -1.69
N ASP B 119 13.25 -30.40 -1.03
CA ASP B 119 13.24 -31.67 -1.72
C ASP B 119 11.84 -32.08 -2.15
N TRP B 120 11.14 -31.11 -2.73
CA TRP B 120 9.81 -31.38 -3.25
C TRP B 120 9.74 -32.53 -4.29
N PRO B 121 10.79 -32.77 -5.10
CA PRO B 121 10.64 -33.87 -6.06
C PRO B 121 10.31 -35.20 -5.36
N LYS B 122 10.80 -35.41 -4.15
CA LYS B 122 10.48 -36.66 -3.42
C LYS B 122 8.99 -36.68 -3.07
N VAL B 123 8.45 -35.53 -2.66
CA VAL B 123 7.04 -35.46 -2.33
C VAL B 123 6.21 -35.67 -3.59
N LEU B 124 6.61 -35.04 -4.70
CA LEU B 124 5.87 -35.20 -5.93
C LEU B 124 5.88 -36.68 -6.35
N ALA B 125 7.03 -37.34 -6.22
CA ALA B 125 7.05 -38.76 -6.58
C ALA B 125 6.13 -39.61 -5.69
N GLU B 126 6.04 -39.23 -4.41
CA GLU B 126 5.18 -39.95 -3.49
C GLU B 126 3.68 -39.69 -3.83
N ALA B 127 3.36 -38.47 -4.24
CA ALA B 127 1.98 -38.13 -4.58
C ALA B 127 1.62 -38.97 -5.82
N ILE B 128 2.52 -39.02 -6.79
CA ILE B 128 2.26 -39.81 -8.01
C ILE B 128 2.13 -41.30 -7.70
N ARG B 129 2.97 -41.77 -6.79
CA ARG B 129 2.90 -43.17 -6.39
C ARG B 129 1.54 -43.57 -5.81
N VAL B 130 1.01 -42.72 -4.92
CA VAL B 130 -0.25 -43.09 -4.26
C VAL B 130 -1.52 -42.76 -5.05
N LEU B 131 -1.38 -41.97 -6.11
CA LEU B 131 -2.56 -41.64 -6.92
C LEU B 131 -2.93 -42.79 -7.83
N LYS B 132 -4.23 -43.09 -7.90
CA LYS B 132 -4.74 -44.10 -8.82
C LYS B 132 -4.72 -43.54 -10.28
N PRO B 133 -4.82 -44.44 -11.27
CA PRO B 133 -4.83 -43.98 -12.66
C PRO B 133 -6.02 -43.02 -12.76
N GLY B 134 -5.85 -41.95 -13.52
CA GLY B 134 -6.91 -40.97 -13.68
C GLY B 134 -7.01 -40.04 -12.50
N GLY B 135 -6.19 -40.26 -11.48
CA GLY B 135 -6.20 -39.40 -10.30
C GLY B 135 -5.66 -38.01 -10.61
N ALA B 136 -5.93 -37.07 -9.72
CA ALA B 136 -5.52 -35.69 -9.91
C ALA B 136 -4.62 -35.15 -8.81
N LEU B 137 -3.67 -34.32 -9.20
CA LEU B 137 -2.82 -33.57 -8.26
C LEU B 137 -3.49 -32.19 -8.26
N LEU B 138 -3.81 -31.69 -7.07
CA LEU B 138 -4.49 -30.43 -6.94
C LEU B 138 -3.65 -29.47 -6.14
N GLU B 139 -2.95 -28.57 -6.81
CA GLU B 139 -2.14 -27.57 -6.12
C GLU B 139 -2.93 -26.28 -6.08
N GLY B 140 -3.03 -25.68 -4.90
CA GLY B 140 -3.76 -24.44 -4.82
C GLY B 140 -2.95 -23.42 -4.05
N TRP B 141 -3.15 -22.13 -4.36
CA TRP B 141 -2.45 -21.11 -3.60
C TRP B 141 -3.18 -19.80 -3.62
N ASP B 142 -2.98 -19.07 -2.53
CA ASP B 142 -3.54 -17.72 -2.40
C ASP B 142 -2.57 -16.76 -3.06
N GLN B 143 -3.11 -15.67 -3.58
CA GLN B 143 -2.29 -14.62 -4.19
C GLN B 143 -2.94 -13.29 -3.78
N ALA B 144 -2.14 -12.28 -3.39
CA ALA B 144 -2.71 -11.00 -3.03
C ALA B 144 -2.03 -9.92 -3.87
N GLU B 145 -2.80 -8.89 -4.26
CA GLU B 145 -2.19 -7.76 -4.99
C GLU B 145 -1.44 -6.98 -3.91
N ALA B 146 -0.39 -6.26 -4.30
CA ALA B 146 0.36 -5.50 -3.31
C ALA B 146 -0.51 -4.42 -2.66
N SER B 147 -0.27 -4.22 -1.37
CA SER B 147 -1.03 -3.23 -0.60
C SER B 147 -0.16 -2.78 0.54
N PRO B 148 -0.69 -1.91 1.41
CA PRO B 148 0.11 -1.44 2.55
C PRO B 148 0.63 -2.63 3.35
N GLU B 149 -0.11 -3.75 3.35
CA GLU B 149 0.34 -4.93 4.07
C GLU B 149 1.62 -5.48 3.45
N TRP B 150 1.65 -5.56 2.13
CA TRP B 150 2.85 -6.07 1.47
C TRP B 150 4.01 -5.12 1.77
N THR B 151 3.71 -3.82 1.80
CA THR B 151 4.72 -2.81 2.05
C THR B 151 5.35 -3.05 3.42
N LEU B 152 4.52 -3.33 4.42
CA LEU B 152 5.05 -3.61 5.76
C LEU B 152 5.88 -4.89 5.76
N GLN B 153 5.43 -5.93 5.06
CA GLN B 153 6.17 -7.19 5.00
C GLN B 153 7.52 -6.98 4.29
N GLU B 154 7.52 -6.19 3.23
CA GLU B 154 8.76 -5.92 2.52
C GLU B 154 9.72 -5.09 3.36
N ARG B 155 9.18 -4.19 4.21
CA ARG B 155 10.01 -3.35 5.08
C ARG B 155 10.67 -4.29 6.08
N TRP B 156 9.92 -5.31 6.52
CA TRP B 156 10.47 -6.26 7.48
C TRP B 156 11.66 -6.95 6.81
N ARG B 157 11.47 -7.37 5.56
CA ARG B 157 12.57 -8.05 4.85
C ARG B 157 13.76 -7.10 4.68
N ALA B 158 13.51 -5.81 4.46
CA ALA B 158 14.62 -4.88 4.26
C ALA B 158 15.44 -4.74 5.55
N PHE B 159 14.73 -4.63 6.67
CA PHE B 159 15.39 -4.50 7.96
C PHE B 159 16.14 -5.79 8.31
N ALA B 160 15.57 -6.94 7.96
CA ALA B 160 16.20 -8.24 8.24
C ALA B 160 17.54 -8.34 7.48
N ALA B 161 17.55 -7.85 6.24
CA ALA B 161 18.76 -7.85 5.42
C ALA B 161 19.76 -6.90 6.08
N GLU B 162 19.27 -5.74 6.53
CA GLU B 162 20.13 -4.76 7.19
C GLU B 162 20.87 -5.35 8.38
N GLU B 163 20.25 -6.33 9.04
CA GLU B 163 20.88 -6.96 10.20
C GLU B 163 21.73 -8.17 9.76
N GLY B 164 21.90 -8.31 8.45
CA GLY B 164 22.70 -9.40 7.91
C GLY B 164 21.97 -10.73 7.87
N PHE B 165 20.67 -10.67 7.60
CA PHE B 165 19.85 -11.86 7.51
C PHE B 165 18.84 -11.77 6.37
N PRO B 166 19.34 -11.54 5.14
CA PRO B 166 18.42 -11.44 4.01
C PRO B 166 17.60 -12.73 3.84
N VAL B 167 16.35 -12.59 3.40
CA VAL B 167 15.48 -13.73 3.18
C VAL B 167 15.14 -13.80 1.70
N GLU B 168 14.80 -14.99 1.23
CA GLU B 168 14.48 -15.22 -0.15
C GLU B 168 13.11 -14.71 -0.60
N ARG B 169 13.17 -13.80 -1.55
CA ARG B 169 12.03 -13.12 -2.13
C ARG B 169 11.41 -14.03 -3.19
N GLY B 170 10.09 -14.14 -3.16
CA GLY B 170 9.34 -14.94 -4.13
C GLY B 170 9.67 -16.41 -4.26
N LEU B 171 9.94 -17.05 -3.13
CA LEU B 171 10.28 -18.48 -3.11
C LEU B 171 9.09 -19.34 -3.56
N HIS B 172 7.90 -19.04 -3.05
CA HIS B 172 6.78 -19.89 -3.44
C HIS B 172 6.56 -19.86 -4.95
N ALA B 173 6.58 -18.67 -5.55
CA ALA B 173 6.39 -18.56 -7.00
C ALA B 173 7.49 -19.30 -7.74
N LYS B 174 8.74 -19.22 -7.27
CA LYS B 174 9.82 -19.93 -7.94
C LYS B 174 9.57 -21.44 -7.90
N ARG B 175 9.24 -21.94 -6.71
CA ARG B 175 8.97 -23.36 -6.55
C ARG B 175 7.81 -23.81 -7.44
N LEU B 176 6.76 -23.03 -7.56
CA LEU B 176 5.62 -23.44 -8.38
C LEU B 176 6.10 -23.63 -9.81
N LYS B 177 7.01 -22.76 -10.23
CA LYS B 177 7.54 -22.89 -11.60
C LYS B 177 8.37 -24.15 -11.74
N GLU B 178 9.23 -24.44 -10.76
CA GLU B 178 10.03 -25.67 -10.81
C GLU B 178 9.15 -26.93 -10.87
N VAL B 179 8.16 -26.99 -9.99
CA VAL B 179 7.26 -28.13 -9.94
C VAL B 179 6.55 -28.23 -11.28
N GLU B 180 6.16 -27.08 -11.85
CA GLU B 180 5.48 -27.12 -13.13
C GLU B 180 6.32 -27.76 -14.22
N GLU B 181 7.62 -27.44 -14.27
CA GLU B 181 8.50 -28.04 -15.27
C GLU B 181 8.46 -29.56 -15.10
N ALA B 182 8.46 -30.02 -13.84
CA ALA B 182 8.41 -31.46 -13.59
C ALA B 182 7.08 -32.12 -14.00
N LEU B 183 5.96 -31.48 -13.69
CA LEU B 183 4.67 -32.04 -14.08
C LEU B 183 4.58 -32.20 -15.59
N ARG B 184 5.11 -31.23 -16.33
CA ARG B 184 5.08 -31.32 -17.81
C ARG B 184 5.82 -32.58 -18.30
N ARG B 185 7.06 -32.70 -17.84
CA ARG B 185 7.95 -33.80 -18.17
C ARG B 185 7.32 -35.16 -17.85
N LEU B 186 6.57 -35.22 -16.74
CA LEU B 186 5.92 -36.44 -16.31
C LEU B 186 4.57 -36.78 -16.98
N GLY B 187 4.13 -35.91 -17.89
CA GLY B 187 2.92 -36.13 -18.64
C GLY B 187 1.64 -35.88 -17.89
N LEU B 188 1.72 -35.04 -16.88
CA LEU B 188 0.55 -34.78 -16.06
C LEU B 188 -0.25 -33.58 -16.57
N LYS B 189 0.28 -32.93 -17.62
CA LYS B 189 -0.46 -31.84 -18.28
C LYS B 189 -1.17 -30.87 -17.33
N PRO B 190 -0.40 -30.15 -16.54
CA PRO B 190 -1.03 -29.20 -15.61
C PRO B 190 -1.85 -28.11 -16.28
N ARG B 191 -2.98 -27.76 -15.64
CA ARG B 191 -3.85 -26.72 -16.13
C ARG B 191 -4.18 -25.85 -14.93
N THR B 192 -3.92 -24.55 -15.07
CA THR B 192 -4.15 -23.62 -13.95
C THR B 192 -5.27 -22.64 -14.24
N ARG B 193 -6.11 -22.37 -13.24
CA ARG B 193 -7.18 -21.38 -13.43
C ARG B 193 -7.46 -20.68 -12.09
N GLU B 194 -8.00 -19.46 -12.18
CA GLU B 194 -8.36 -18.72 -10.96
C GLU B 194 -9.71 -19.26 -10.52
N VAL B 195 -9.87 -19.70 -9.27
CA VAL B 195 -11.14 -20.26 -8.85
C VAL B 195 -11.91 -19.41 -7.82
N ALA B 196 -11.29 -18.36 -7.30
CA ALA B 196 -11.98 -17.46 -6.35
C ALA B 196 -11.25 -16.14 -6.34
N ARG B 197 -12.00 -15.06 -6.11
CA ARG B 197 -11.44 -13.72 -6.05
C ARG B 197 -12.29 -12.98 -5.01
N TRP B 198 -11.62 -12.29 -4.08
CA TRP B 198 -12.34 -11.60 -3.03
C TRP B 198 -11.54 -10.44 -2.47
N ARG B 199 -12.20 -9.65 -1.65
CA ARG B 199 -11.57 -8.48 -1.06
C ARG B 199 -11.67 -8.57 0.46
N GLU B 200 -10.60 -8.25 1.16
CA GLU B 200 -10.69 -8.24 2.61
C GLU B 200 -10.08 -6.94 3.10
N GLU B 201 -10.34 -6.59 4.36
CA GLU B 201 -9.77 -5.38 4.92
C GLU B 201 -8.77 -5.76 6.01
N ARG B 202 -7.71 -4.99 6.11
CA ARG B 202 -6.67 -5.27 7.10
C ARG B 202 -6.17 -3.94 7.65
N THR B 203 -5.65 -3.95 8.88
CA THR B 203 -5.10 -2.74 9.46
C THR B 203 -3.60 -2.92 9.61
N PRO B 204 -2.87 -1.79 9.67
CA PRO B 204 -1.43 -1.92 9.85
C PRO B 204 -1.12 -2.73 11.12
N ARG B 205 -1.88 -2.46 12.19
CA ARG B 205 -1.68 -3.16 13.46
C ARG B 205 -1.77 -4.65 13.31
N GLU B 206 -2.72 -5.12 12.52
CA GLU B 206 -2.89 -6.53 12.27
C GLU B 206 -1.75 -7.10 11.44
N ALA B 207 -1.31 -6.38 10.43
CA ALA B 207 -0.21 -6.83 9.59
C ALA B 207 1.05 -6.92 10.45
N LEU B 208 1.25 -5.92 11.30
CA LEU B 208 2.41 -5.90 12.17
C LEU B 208 2.36 -7.06 13.16
N GLU B 209 1.18 -7.35 13.73
CA GLU B 209 1.10 -8.47 14.69
C GLU B 209 1.46 -9.80 14.04
N ALA B 210 1.02 -9.99 12.79
CA ALA B 210 1.35 -11.22 12.07
C ALA B 210 2.85 -11.35 11.90
N LEU B 211 3.54 -10.25 11.65
CA LEU B 211 5.00 -10.30 11.52
C LEU B 211 5.61 -10.54 12.92
N SER B 212 5.14 -9.80 13.92
CA SER B 212 5.65 -9.91 15.27
C SER B 212 5.64 -11.36 15.77
N GLU B 213 4.55 -12.07 15.47
CA GLU B 213 4.32 -13.46 15.87
C GLU B 213 4.99 -14.48 14.95
N ARG B 214 5.72 -13.97 13.97
CA ARG B 214 6.44 -14.78 13.02
C ARG B 214 5.54 -15.85 12.40
N LEU B 215 4.33 -15.48 11.99
CA LEU B 215 3.38 -16.40 11.38
C LEU B 215 3.67 -16.76 9.89
N TYR B 216 4.54 -16.01 9.25
CA TYR B 216 4.89 -16.27 7.86
C TYR B 216 6.25 -16.97 7.79
N SER B 217 6.36 -17.99 6.93
CA SER B 217 7.60 -18.71 6.83
C SER B 217 8.79 -17.79 6.57
N PHE B 218 8.66 -16.75 5.75
CA PHE B 218 9.81 -15.90 5.51
C PHE B 218 10.35 -15.23 6.76
N THR B 219 9.56 -15.20 7.84
CA THR B 219 10.04 -14.58 9.07
C THR B 219 10.62 -15.57 10.09
N GLN B 220 10.59 -16.85 9.78
CA GLN B 220 11.01 -17.84 10.76
C GLN B 220 12.45 -18.32 10.76
N GLY B 221 13.26 -17.82 9.83
CA GLY B 221 14.66 -18.24 9.78
C GLY B 221 15.59 -17.42 10.67
N LEU B 222 15.21 -16.19 10.94
CA LEU B 222 15.99 -15.26 11.76
C LEU B 222 16.17 -15.60 13.24
N PRO B 223 17.37 -15.33 13.78
CA PRO B 223 17.59 -15.62 15.20
C PRO B 223 16.64 -14.68 15.96
N GLU B 224 16.13 -15.14 17.09
CA GLU B 224 15.20 -14.37 17.89
C GLU B 224 15.66 -12.94 18.18
N PRO B 225 16.88 -12.76 18.71
CA PRO B 225 17.34 -11.40 18.98
C PRO B 225 17.23 -10.49 17.76
N VAL B 226 17.57 -11.02 16.58
CA VAL B 226 17.51 -10.22 15.36
C VAL B 226 16.06 -9.90 15.02
N HIS B 227 15.14 -10.84 15.21
CA HIS B 227 13.72 -10.56 14.92
C HIS B 227 13.20 -9.45 15.86
N ALA B 228 13.65 -9.47 17.11
CA ALA B 228 13.22 -8.44 18.07
C ALA B 228 13.65 -7.05 17.66
N ARG B 229 14.93 -6.90 17.29
CA ARG B 229 15.43 -5.59 16.86
C ARG B 229 14.68 -5.15 15.60
N VAL B 230 14.41 -6.11 14.71
CA VAL B 230 13.68 -5.80 13.47
C VAL B 230 12.25 -5.34 13.78
N GLU B 232 11.21 -3.99 16.45
CA GLU B 232 11.27 -2.69 17.11
C GLU B 232 11.36 -1.61 16.05
N ARG B 233 12.30 -1.77 15.12
CA ARG B 233 12.51 -0.79 14.07
C ARG B 233 11.27 -0.66 13.19
N LEU B 234 10.60 -1.77 12.91
CA LEU B 234 9.40 -1.76 12.05
C LEU B 234 8.17 -1.14 12.75
N TRP B 235 7.95 -1.48 14.02
CA TRP B 235 6.78 -0.90 14.70
C TRP B 235 6.94 0.62 14.71
N ALA B 236 8.15 1.10 14.99
CA ALA B 236 8.43 2.54 15.03
C ALA B 236 8.28 3.20 13.65
N TRP B 237 8.74 2.50 12.62
CA TRP B 237 8.66 2.98 11.24
C TRP B 237 7.18 3.12 10.86
N ALA B 238 6.40 2.09 11.16
CA ALA B 238 4.97 2.09 10.85
C ALA B 238 4.30 3.27 11.56
N GLU B 239 4.59 3.41 12.84
CA GLU B 239 4.04 4.52 13.62
C GLU B 239 4.41 5.84 12.94
N ALA B 240 5.64 5.92 12.47
CA ALA B 240 6.10 7.15 11.81
C ALA B 240 5.50 7.42 10.45
N GLU B 241 5.45 6.40 9.60
CA GLU B 241 4.96 6.54 8.25
C GLU B 241 3.47 6.37 8.03
N LEU B 242 2.78 5.68 8.92
CA LEU B 242 1.34 5.46 8.76
C LEU B 242 0.46 6.22 9.76
N GLY B 243 0.99 6.57 10.92
CA GLY B 243 0.16 7.26 11.89
C GLY B 243 -0.89 6.35 12.53
N ASP B 244 -2.11 6.32 11.99
CA ASP B 244 -3.18 5.50 12.59
C ASP B 244 -3.08 4.03 12.20
N LEU B 245 -2.62 3.20 13.13
CA LEU B 245 -2.45 1.79 12.83
C LEU B 245 -3.73 0.97 12.86
N ASP B 246 -4.85 1.60 13.23
CA ASP B 246 -6.11 0.88 13.31
C ASP B 246 -7.03 1.22 12.14
N ARG B 247 -6.53 1.99 11.17
CA ARG B 247 -7.32 2.33 10.01
C ARG B 247 -7.19 1.20 8.97
N PRO B 248 -8.32 0.61 8.57
CA PRO B 248 -8.27 -0.46 7.58
C PRO B 248 -8.05 -0.04 6.14
N PHE B 249 -7.39 -0.93 5.40
CA PHE B 249 -7.14 -0.74 3.98
C PHE B 249 -7.57 -2.04 3.31
N PRO B 250 -7.90 -1.96 2.02
CA PRO B 250 -8.29 -3.22 1.40
C PRO B 250 -7.13 -4.03 0.84
N VAL B 251 -7.38 -5.33 0.70
CA VAL B 251 -6.40 -6.26 0.11
C VAL B 251 -7.20 -7.10 -0.87
N GLU B 252 -6.77 -7.09 -2.13
CA GLU B 252 -7.44 -7.86 -3.17
C GLU B 252 -6.78 -9.23 -3.24
N LYS B 253 -7.61 -10.27 -3.09
CA LYS B 253 -7.11 -11.66 -3.06
C LYS B 253 -7.70 -12.57 -4.13
N ARG B 254 -6.98 -13.64 -4.43
CA ARG B 254 -7.44 -14.58 -5.39
C ARG B 254 -6.87 -15.95 -5.04
N PHE B 255 -7.53 -17.00 -5.48
CA PHE B 255 -7.02 -18.35 -5.22
C PHE B 255 -6.90 -19.05 -6.56
N LEU B 256 -5.71 -19.62 -6.85
CA LEU B 256 -5.51 -20.33 -8.08
C LEU B 256 -5.45 -21.84 -7.80
N LEU B 257 -5.92 -22.62 -8.77
CA LEU B 257 -5.88 -24.09 -8.66
C LEU B 257 -5.21 -24.65 -9.89
N ARG B 258 -4.20 -25.48 -9.70
CA ARG B 258 -3.51 -26.11 -10.82
C ARG B 258 -3.82 -27.57 -10.67
N VAL B 259 -4.49 -28.09 -11.70
CA VAL B 259 -4.91 -29.50 -11.74
C VAL B 259 -4.03 -30.26 -12.76
N SER B 260 -3.43 -31.35 -12.29
CA SER B 260 -2.58 -32.24 -13.12
C SER B 260 -3.23 -33.61 -13.02
N ARG B 261 -3.13 -34.41 -14.07
CA ARG B 261 -3.84 -35.67 -14.05
C ARG B 261 -3.00 -36.82 -14.53
N LEU B 262 -3.10 -37.94 -13.83
CA LEU B 262 -2.35 -39.16 -14.19
C LEU B 262 -3.09 -39.89 -15.29
#